data_7AU1
#
_entry.id   7AU1
#
_cell.length_a   68.038
_cell.length_b   81.925
_cell.length_c   88.241
_cell.angle_alpha   90.000
_cell.angle_beta   90.000
_cell.angle_gamma   90.000
#
_symmetry.space_group_name_H-M   'P 21 21 21'
#
loop_
_entity.id
_entity.type
_entity.pdbx_description
1 polymer 'Peptidoglycan D,D-transpeptidase FtsI'
2 non-polymer 'DIMETHYL SULFOXIDE'
3 non-polymer DI(HYDROXYETHYL)ETHER
4 non-polymer '2-(6-(((R)-2-amino-2-oxo-1-phenylethyl)carbamoyl)-1-hydroxy-1,3-dihydrobenzo[c][1,2]oxaborol-3-yl)acetic acid'
5 non-polymer GLYCEROL
6 water water
#
_entity_poly.entity_id   1
_entity_poly.type   'polypeptide(L)'
_entity_poly.pdbx_seq_one_letter_code
;GPGYQDPARSVRHIAIPAHRGLITDRNGEPLAVSTPVTTLWANPKELMTAKERWPQLAAALGQDTKLFADRIEQNAEREF
IYLVRGLTPEQGEGVIALKVPGVYSIEEFRRFYPAGEVVAHAVGFTDVDDRGREGIELAFDEWLAGVPGKRQVLKDRRGR
VIKDVQVTKNAKPGKTLALSIDLRLQYLAHRELRNALLENGAKAGSLVIMDVKTGEILAMTNQPTYNPNNRRNLQPAAMR
NRAMIDVFEPGSTVKPFSMSAALASGRWKPSDIVDVYPGTLQIGRYTIRDVSRNSRQLDLTGILIKSSNVGISKIAFDIG
AESIYSVMQQVGLGQDTGLGFPGERVGNLPNHRKWPKAETATLAYGYGLSVTAIQLAHAYAALANDGKSVPLSMTRVDRV
PDGVQVISPEVASTVQGMLQQVVEAQGGVFRAQVPGYHAAGKSGTARKVSVGTKGYRENAYRSLFAGFAPATDPRIAMVV
VIDEPSKAGYFGGLVSAPVFSKVMAGALRLMNVPPDNLPTATEQQQVNAAPAKGGRG
;
_entity_poly.pdbx_strand_id   A
#
# COMPACT_ATOMS: atom_id res chain seq x y z
N GLN A 5 -0.36 -48.41 -33.45
CA GLN A 5 0.14 -47.00 -33.63
C GLN A 5 -0.89 -45.99 -33.11
N ASP A 6 -0.42 -44.79 -32.79
CA ASP A 6 -1.32 -43.68 -32.39
C ASP A 6 -2.25 -43.32 -33.54
N PRO A 7 -3.43 -42.72 -33.24
CA PRO A 7 -4.36 -42.28 -34.29
C PRO A 7 -3.72 -41.33 -35.31
N ALA A 8 -4.11 -41.51 -36.58
CA ALA A 8 -3.70 -40.65 -37.72
C ALA A 8 -4.15 -39.21 -37.52
N ARG A 9 -5.26 -39.04 -36.79
CA ARG A 9 -5.94 -37.74 -36.59
C ARG A 9 -6.35 -37.65 -35.13
N SER A 10 -6.29 -36.48 -34.52
CA SER A 10 -6.91 -36.26 -33.19
C SER A 10 -7.35 -34.81 -33.06
N VAL A 11 -8.59 -34.57 -32.59
CA VAL A 11 -9.05 -33.18 -32.30
C VAL A 11 -8.53 -32.78 -30.91
N ARG A 12 -7.71 -31.73 -30.89
CA ARG A 12 -7.04 -31.20 -29.67
C ARG A 12 -7.50 -29.78 -29.43
N HIS A 13 -7.23 -29.21 -28.25
CA HIS A 13 -7.60 -27.82 -27.94
C HIS A 13 -6.34 -27.03 -27.60
N ILE A 14 -6.37 -25.75 -27.92
CA ILE A 14 -5.32 -24.79 -27.47
C ILE A 14 -6.04 -23.64 -26.75
N ALA A 15 -5.50 -23.19 -25.61
CA ALA A 15 -6.06 -22.05 -24.86
C ALA A 15 -5.81 -20.77 -25.66
N ILE A 16 -6.73 -19.82 -25.55
CA ILE A 16 -6.65 -18.48 -26.19
C ILE A 16 -6.44 -17.48 -25.04
N PRO A 17 -5.20 -17.02 -24.76
CA PRO A 17 -4.95 -16.10 -23.64
C PRO A 17 -5.87 -14.87 -23.76
N ALA A 18 -6.34 -14.38 -22.60
CA ALA A 18 -7.27 -13.24 -22.47
C ALA A 18 -6.45 -12.01 -22.06
N HIS A 19 -6.82 -10.88 -22.65
CA HIS A 19 -6.36 -9.49 -22.40
C HIS A 19 -6.74 -9.09 -20.95
N ARG A 20 -5.75 -8.80 -20.14
CA ARG A 20 -5.94 -8.41 -18.74
C ARG A 20 -6.57 -7.01 -18.69
N GLY A 21 -7.43 -6.76 -17.70
CA GLY A 21 -8.14 -5.47 -17.62
C GLY A 21 -7.21 -4.28 -17.39
N LEU A 22 -7.53 -3.15 -18.00
CA LEU A 22 -6.87 -1.84 -17.75
C LEU A 22 -7.01 -1.44 -16.28
N ILE A 23 -5.89 -1.06 -15.68
CA ILE A 23 -5.94 -0.35 -14.37
C ILE A 23 -5.75 1.11 -14.68
N THR A 24 -6.61 1.99 -14.10
CA THR A 24 -6.41 3.45 -14.21
C THR A 24 -6.38 4.09 -12.81
N ASP A 25 -5.89 5.31 -12.76
CA ASP A 25 -6.08 6.09 -11.49
C ASP A 25 -7.52 6.53 -11.48
N ARG A 26 -7.81 7.33 -10.44
CA ARG A 26 -9.24 7.69 -10.29
C ARG A 26 -9.75 8.65 -11.36
N ASN A 27 -8.87 9.32 -12.10
CA ASN A 27 -9.19 10.26 -13.19
C ASN A 27 -9.01 9.58 -14.55
N GLY A 28 -8.84 8.24 -14.61
CA GLY A 28 -8.74 7.48 -15.88
C GLY A 28 -7.35 7.47 -16.43
N GLU A 29 -6.32 7.89 -15.71
CA GLU A 29 -4.94 7.90 -16.26
C GLU A 29 -4.47 6.44 -16.24
N PRO A 30 -3.98 5.86 -17.37
CA PRO A 30 -3.61 4.45 -17.26
C PRO A 30 -2.37 4.18 -16.37
N LEU A 31 -2.49 3.13 -15.59
CA LEU A 31 -1.45 2.66 -14.65
C LEU A 31 -0.95 1.26 -15.02
N ALA A 32 -1.79 0.43 -15.62
CA ALA A 32 -1.33 -0.91 -16.05
C ALA A 32 -2.13 -1.22 -17.28
N VAL A 33 -1.37 -1.53 -18.36
CA VAL A 33 -1.96 -1.72 -19.72
CA VAL A 33 -1.97 -1.71 -19.71
C VAL A 33 -1.38 -3.01 -20.30
N SER A 34 -2.26 -3.85 -20.80
CA SER A 34 -1.90 -5.12 -21.53
C SER A 34 -1.31 -4.79 -22.90
N THR A 35 -0.08 -5.23 -23.18
CA THR A 35 0.70 -5.01 -24.44
C THR A 35 0.70 -6.36 -25.15
N PRO A 36 0.24 -6.45 -26.41
CA PRO A 36 0.33 -7.70 -27.20
C PRO A 36 1.78 -8.18 -27.36
N VAL A 37 2.00 -9.46 -27.11
CA VAL A 37 3.31 -10.11 -27.38
C VAL A 37 3.03 -11.45 -28.08
N THR A 38 4.10 -12.04 -28.60
CA THR A 38 3.96 -13.31 -29.38
C THR A 38 4.86 -14.41 -28.73
N THR A 39 4.22 -15.52 -28.41
CA THR A 39 4.85 -16.72 -27.81
C THR A 39 5.05 -17.68 -28.98
N LEU A 40 6.20 -18.33 -29.06
CA LEU A 40 6.42 -19.36 -30.11
C LEU A 40 6.58 -20.69 -29.38
N TRP A 41 5.89 -21.71 -29.89
CA TRP A 41 6.08 -23.08 -29.40
C TRP A 41 6.48 -23.93 -30.60
N ALA A 42 6.98 -25.13 -30.38
CA ALA A 42 7.45 -26.02 -31.45
C ALA A 42 6.94 -27.43 -31.19
N ASN A 43 6.79 -28.18 -32.28
CA ASN A 43 6.74 -29.65 -32.29
C ASN A 43 8.15 -30.11 -32.64
N PRO A 44 8.99 -30.57 -31.66
CA PRO A 44 10.31 -31.11 -31.99
C PRO A 44 10.37 -32.14 -33.11
N LYS A 45 9.33 -32.97 -33.29
CA LYS A 45 9.33 -34.04 -34.33
C LYS A 45 9.37 -33.39 -35.70
N GLU A 46 8.67 -32.26 -35.91
CA GLU A 46 8.76 -31.45 -37.15
C GLU A 46 10.08 -30.68 -37.17
N LEU A 47 10.50 -30.05 -36.08
CA LEU A 47 11.74 -29.25 -36.08
C LEU A 47 12.94 -30.12 -36.44
N MET A 48 12.95 -31.36 -35.96
CA MET A 48 14.02 -32.37 -36.21
C MET A 48 14.20 -32.63 -37.71
N THR A 49 13.24 -32.29 -38.58
CA THR A 49 13.35 -32.52 -40.07
C THR A 49 13.92 -31.26 -40.77
N ALA A 50 14.23 -30.19 -40.04
CA ALA A 50 14.63 -28.88 -40.63
C ALA A 50 15.88 -28.32 -39.91
N LYS A 51 16.81 -29.19 -39.53
CA LYS A 51 18.01 -28.78 -38.74
C LYS A 51 18.74 -27.60 -39.39
N GLU A 52 18.86 -27.54 -40.72
CA GLU A 52 19.71 -26.47 -41.33
CA GLU A 52 19.65 -26.49 -41.37
C GLU A 52 19.11 -25.10 -41.01
N ARG A 53 17.82 -25.02 -40.62
CA ARG A 53 17.17 -23.70 -40.31
C ARG A 53 17.50 -23.29 -38.89
N TRP A 54 18.03 -24.19 -38.06
CA TRP A 54 18.01 -23.93 -36.59
C TRP A 54 18.83 -22.69 -36.28
N PRO A 55 20.07 -22.47 -36.79
CA PRO A 55 20.81 -21.29 -36.34
C PRO A 55 20.13 -19.96 -36.67
N GLN A 56 19.45 -19.87 -37.82
CA GLN A 56 18.70 -18.63 -38.13
C GLN A 56 17.56 -18.45 -37.13
N LEU A 57 16.84 -19.55 -36.83
CA LEU A 57 15.72 -19.51 -35.86
C LEU A 57 16.29 -19.09 -34.52
N ALA A 58 17.32 -19.77 -34.03
CA ALA A 58 17.93 -19.44 -32.70
C ALA A 58 18.32 -17.96 -32.62
N ALA A 59 19.10 -17.40 -33.56
CA ALA A 59 19.43 -15.96 -33.65
C ALA A 59 18.17 -15.08 -33.60
N ALA A 60 17.09 -15.39 -34.33
CA ALA A 60 15.85 -14.57 -34.27
C ALA A 60 15.20 -14.66 -32.88
N LEU A 61 15.43 -15.73 -32.11
CA LEU A 61 14.90 -15.90 -30.72
C LEU A 61 15.87 -15.28 -29.70
N GLY A 62 17.03 -14.83 -30.15
CA GLY A 62 18.13 -14.34 -29.30
C GLY A 62 18.68 -15.46 -28.44
N GLN A 63 18.73 -16.67 -28.97
CA GLN A 63 19.26 -17.83 -28.20
C GLN A 63 20.56 -18.31 -28.86
N ASP A 64 21.40 -18.94 -28.05
CA ASP A 64 22.71 -19.49 -28.46
C ASP A 64 22.46 -20.66 -29.41
N THR A 65 23.25 -20.78 -30.49
CA THR A 65 23.05 -21.78 -31.54
C THR A 65 23.11 -23.20 -30.97
N LYS A 66 24.14 -23.51 -30.18
CA LYS A 66 24.28 -24.89 -29.65
C LYS A 66 23.33 -25.15 -28.50
N LEU A 67 23.05 -24.18 -27.65
CA LEU A 67 22.09 -24.44 -26.54
C LEU A 67 20.69 -24.70 -27.10
N PHE A 68 20.34 -23.98 -28.18
CA PHE A 68 19.07 -24.18 -28.90
C PHE A 68 19.08 -25.60 -29.46
N ALA A 69 20.09 -25.98 -30.24
CA ALA A 69 20.15 -27.33 -30.85
C ALA A 69 20.06 -28.42 -29.77
N ASP A 70 20.80 -28.28 -28.67
CA ASP A 70 20.80 -29.26 -27.55
C ASP A 70 19.37 -29.38 -26.99
N ARG A 71 18.64 -28.28 -26.85
CA ARG A 71 17.25 -28.26 -26.31
CA ARG A 71 17.25 -28.28 -26.31
C ARG A 71 16.30 -29.05 -27.25
N ILE A 72 16.30 -28.78 -28.56
CA ILE A 72 15.44 -29.54 -29.50
C ILE A 72 15.87 -31.01 -29.49
N GLU A 73 17.18 -31.32 -29.57
CA GLU A 73 17.61 -32.73 -29.65
CA GLU A 73 17.71 -32.71 -29.59
C GLU A 73 17.17 -33.48 -28.39
N GLN A 74 17.32 -32.85 -27.22
CA GLN A 74 16.94 -33.44 -25.93
C GLN A 74 15.43 -33.69 -25.84
N ASN A 75 14.62 -33.01 -26.67
CA ASN A 75 13.14 -33.03 -26.63
C ASN A 75 12.58 -33.62 -27.92
N ALA A 76 13.40 -34.37 -28.66
CA ALA A 76 13.09 -34.89 -30.02
C ALA A 76 11.78 -35.70 -30.00
N GLU A 77 11.48 -36.38 -28.86
CA GLU A 77 10.36 -37.35 -28.76
C GLU A 77 9.07 -36.64 -28.37
N ARG A 78 9.13 -35.37 -27.96
CA ARG A 78 7.95 -34.57 -27.54
C ARG A 78 7.33 -33.92 -28.78
N GLU A 79 6.06 -33.54 -28.65
CA GLU A 79 5.26 -32.88 -29.72
C GLU A 79 4.93 -31.43 -29.33
N PHE A 80 5.37 -30.96 -28.15
CA PHE A 80 5.23 -29.57 -27.67
C PHE A 80 6.40 -29.21 -26.76
N ILE A 81 7.04 -28.07 -27.06
CA ILE A 81 7.86 -27.26 -26.13
C ILE A 81 7.64 -25.80 -26.48
N TYR A 82 7.86 -24.92 -25.50
CA TYR A 82 7.89 -23.47 -25.77
C TYR A 82 9.27 -23.20 -26.32
N LEU A 83 9.34 -22.31 -27.30
CA LEU A 83 10.63 -21.81 -27.82
C LEU A 83 10.95 -20.51 -27.11
N VAL A 84 9.97 -19.62 -27.02
CA VAL A 84 10.21 -18.29 -26.40
C VAL A 84 8.86 -17.68 -26.04
N ARG A 85 8.84 -16.92 -24.94
CA ARG A 85 7.62 -16.22 -24.47
C ARG A 85 7.82 -14.72 -24.65
N GLY A 86 6.83 -14.03 -25.20
CA GLY A 86 6.76 -12.55 -25.11
C GLY A 86 7.72 -11.84 -26.04
N LEU A 87 7.92 -12.30 -27.27
CA LEU A 87 8.48 -11.42 -28.34
C LEU A 87 7.50 -10.27 -28.67
N THR A 88 8.00 -9.21 -29.30
CA THR A 88 7.14 -8.16 -29.91
C THR A 88 6.38 -8.80 -31.05
N PRO A 89 5.17 -8.34 -31.40
CA PRO A 89 4.43 -8.88 -32.54
C PRO A 89 5.27 -8.79 -33.82
N GLU A 90 6.00 -7.69 -34.02
CA GLU A 90 6.96 -7.53 -35.15
C GLU A 90 7.98 -8.67 -35.12
N GLN A 91 8.63 -8.90 -33.97
CA GLN A 91 9.62 -10.01 -33.82
C GLN A 91 9.00 -11.37 -34.15
N GLY A 92 7.83 -11.69 -33.59
CA GLY A 92 7.13 -12.95 -33.88
C GLY A 92 6.80 -13.11 -35.35
N GLU A 93 6.34 -12.04 -36.03
CA GLU A 93 6.03 -12.10 -37.48
C GLU A 93 7.34 -12.44 -38.22
N GLY A 94 8.48 -11.89 -37.75
CA GLY A 94 9.80 -12.19 -38.37
C GLY A 94 10.14 -13.67 -38.29
N VAL A 95 9.93 -14.31 -37.14
CA VAL A 95 10.17 -15.76 -36.95
C VAL A 95 9.17 -16.56 -37.78
N ILE A 96 7.91 -16.16 -37.82
CA ILE A 96 6.86 -16.91 -38.53
C ILE A 96 7.22 -16.88 -40.02
N ALA A 97 7.78 -15.74 -40.45
CA ALA A 97 8.13 -15.46 -41.85
C ALA A 97 9.25 -16.41 -42.28
N LEU A 98 10.02 -16.97 -41.33
CA LEU A 98 11.09 -17.93 -41.68
C LEU A 98 10.49 -19.26 -42.16
N LYS A 99 9.26 -19.60 -41.79
CA LYS A 99 8.53 -20.81 -42.29
C LYS A 99 9.33 -22.07 -41.90
N VAL A 100 9.85 -22.10 -40.68
CA VAL A 100 10.55 -23.28 -40.13
C VAL A 100 9.46 -24.30 -39.80
N PRO A 101 9.54 -25.53 -40.37
CA PRO A 101 8.65 -26.62 -39.98
C PRO A 101 8.58 -26.75 -38.46
N GLY A 102 7.35 -26.86 -37.93
CA GLY A 102 7.16 -27.20 -36.51
C GLY A 102 7.14 -26.02 -35.58
N VAL A 103 7.20 -24.78 -36.09
CA VAL A 103 7.13 -23.52 -35.28
C VAL A 103 5.72 -22.95 -35.40
N TYR A 104 5.10 -22.63 -34.26
CA TYR A 104 3.70 -22.18 -34.12
C TYR A 104 3.72 -20.96 -33.18
N SER A 105 2.71 -20.10 -33.31
N SER A 105 2.69 -20.13 -33.31
CA SER A 105 2.60 -18.84 -32.55
CA SER A 105 2.53 -18.81 -32.65
C SER A 105 1.31 -18.82 -31.74
C SER A 105 1.31 -18.87 -31.72
N ILE A 106 1.39 -18.16 -30.59
CA ILE A 106 0.24 -17.91 -29.68
C ILE A 106 0.33 -16.41 -29.37
N GLU A 107 -0.80 -15.69 -29.54
CA GLU A 107 -0.92 -14.29 -29.02
C GLU A 107 -1.12 -14.26 -27.48
N GLU A 108 -0.13 -13.68 -26.78
CA GLU A 108 -0.19 -13.44 -25.31
C GLU A 108 -0.20 -11.92 -25.04
N PHE A 109 -0.24 -11.57 -23.74
CA PHE A 109 -0.16 -10.18 -23.28
C PHE A 109 0.82 -10.05 -22.13
N ARG A 110 1.54 -8.93 -22.15
CA ARG A 110 2.55 -8.46 -21.16
C ARG A 110 2.04 -7.10 -20.65
N ARG A 111 2.21 -6.87 -19.39
CA ARG A 111 1.83 -5.55 -18.84
C ARG A 111 2.90 -4.49 -19.08
N PHE A 112 2.45 -3.26 -19.25
CA PHE A 112 3.31 -2.07 -19.18
C PHE A 112 2.69 -1.15 -18.09
N TYR A 113 3.55 -0.54 -17.32
CA TYR A 113 3.17 0.38 -16.19
C TYR A 113 3.66 1.79 -16.55
N PRO A 114 2.80 2.61 -17.15
CA PRO A 114 3.21 3.93 -17.62
C PRO A 114 3.84 4.85 -16.57
N ALA A 115 3.36 4.77 -15.32
CA ALA A 115 3.93 5.59 -14.25
C ALA A 115 5.10 4.92 -13.51
N GLY A 116 5.44 3.67 -13.81
CA GLY A 116 6.64 3.01 -13.29
C GLY A 116 6.79 3.08 -11.80
N GLU A 117 7.95 3.55 -11.33
CA GLU A 117 8.32 3.45 -9.92
C GLU A 117 7.40 4.34 -9.08
N VAL A 118 6.75 5.33 -9.68
CA VAL A 118 5.94 6.30 -8.87
C VAL A 118 4.87 5.54 -8.11
N VAL A 119 4.24 4.54 -8.68
CA VAL A 119 3.10 3.83 -8.08
C VAL A 119 3.38 2.32 -8.08
N ALA A 120 4.67 1.93 -7.91
CA ALA A 120 5.07 0.52 -8.08
C ALA A 120 4.34 -0.39 -7.12
N HIS A 121 4.30 -0.03 -5.84
CA HIS A 121 3.80 -0.98 -4.81
C HIS A 121 2.27 -1.05 -4.85
N ALA A 122 1.60 0.06 -5.07
CA ALA A 122 0.11 0.09 -5.03
C ALA A 122 -0.41 -0.73 -6.23
N VAL A 123 0.17 -0.47 -7.41
CA VAL A 123 -0.32 -1.19 -8.63
C VAL A 123 0.23 -2.63 -8.65
N GLY A 124 1.47 -2.83 -8.29
CA GLY A 124 2.10 -4.16 -8.31
C GLY A 124 2.54 -4.54 -9.73
N PHE A 125 2.62 -5.84 -10.00
CA PHE A 125 3.08 -6.31 -11.32
C PHE A 125 2.61 -7.75 -11.45
N THR A 126 2.79 -8.25 -12.68
CA THR A 126 2.37 -9.61 -13.09
C THR A 126 3.60 -10.47 -13.32
N ASP A 127 3.43 -11.79 -13.23
CA ASP A 127 4.49 -12.81 -13.49
C ASP A 127 4.52 -13.17 -14.99
N VAL A 128 5.37 -14.16 -15.34
CA VAL A 128 5.58 -14.63 -16.73
C VAL A 128 4.25 -15.09 -17.36
N ASP A 129 3.27 -15.52 -16.55
CA ASP A 129 1.93 -16.00 -17.03
C ASP A 129 0.88 -14.88 -17.01
N ASP A 130 1.33 -13.63 -16.84
CA ASP A 130 0.46 -12.44 -16.78
C ASP A 130 -0.50 -12.53 -15.59
N ARG A 131 -0.09 -13.19 -14.52
CA ARG A 131 -0.85 -13.31 -13.25
CA ARG A 131 -0.95 -13.21 -13.29
C ARG A 131 -0.32 -12.31 -12.22
N GLY A 132 -1.21 -11.68 -11.45
CA GLY A 132 -0.83 -10.76 -10.38
C GLY A 132 0.15 -11.39 -9.40
N ARG A 133 1.23 -10.68 -9.07
CA ARG A 133 2.24 -11.15 -8.07
C ARG A 133 2.25 -10.21 -6.85
N GLU A 134 1.89 -8.94 -7.04
CA GLU A 134 2.05 -7.87 -6.00
C GLU A 134 0.93 -6.84 -6.19
N GLY A 135 0.58 -6.14 -5.11
CA GLY A 135 -0.28 -4.96 -5.16
C GLY A 135 -1.65 -5.24 -5.72
N ILE A 136 -2.25 -4.25 -6.40
CA ILE A 136 -3.62 -4.38 -6.98
C ILE A 136 -3.64 -5.54 -7.97
N GLU A 137 -2.57 -5.70 -8.70
CA GLU A 137 -2.55 -6.79 -9.68
C GLU A 137 -2.85 -8.11 -8.99
N LEU A 138 -2.28 -8.38 -7.80
CA LEU A 138 -2.52 -9.56 -6.96
C LEU A 138 -3.94 -9.47 -6.36
N ALA A 139 -4.24 -8.38 -5.65
CA ALA A 139 -5.48 -8.30 -4.86
C ALA A 139 -6.71 -8.44 -5.75
N PHE A 140 -6.66 -7.91 -6.99
CA PHE A 140 -7.76 -7.98 -7.97
C PHE A 140 -7.41 -8.93 -9.12
N ASP A 141 -6.60 -9.95 -8.90
CA ASP A 141 -6.17 -10.83 -10.03
CA ASP A 141 -6.17 -10.85 -10.02
C ASP A 141 -7.42 -11.39 -10.72
N GLU A 142 -8.36 -11.93 -9.96
CA GLU A 142 -9.49 -12.67 -10.58
C GLU A 142 -10.28 -11.69 -11.47
N TRP A 143 -10.55 -10.50 -10.96
CA TRP A 143 -11.27 -9.41 -11.65
C TRP A 143 -10.53 -9.04 -12.94
N LEU A 144 -9.22 -8.82 -12.84
CA LEU A 144 -8.38 -8.31 -13.94
C LEU A 144 -8.09 -9.43 -14.94
N ALA A 145 -8.01 -10.69 -14.53
CA ALA A 145 -7.46 -11.74 -15.41
C ALA A 145 -8.42 -12.10 -16.53
N GLY A 146 -9.72 -12.01 -16.32
CA GLY A 146 -10.66 -12.56 -17.34
C GLY A 146 -10.52 -14.07 -17.47
N VAL A 147 -10.83 -14.62 -18.65
CA VAL A 147 -11.08 -16.07 -18.81
C VAL A 147 -10.54 -16.45 -20.17
N PRO A 148 -9.51 -17.32 -20.20
CA PRO A 148 -8.95 -17.81 -21.45
C PRO A 148 -10.04 -18.42 -22.34
N GLY A 149 -9.98 -18.17 -23.64
CA GLY A 149 -10.83 -18.86 -24.62
C GLY A 149 -10.26 -20.23 -24.97
N LYS A 150 -10.87 -20.86 -25.95
CA LYS A 150 -10.53 -22.24 -26.35
C LYS A 150 -10.75 -22.42 -27.85
N ARG A 151 -9.82 -23.06 -28.52
CA ARG A 151 -10.08 -23.43 -29.93
C ARG A 151 -9.62 -24.86 -30.17
N GLN A 152 -10.23 -25.52 -31.15
CA GLN A 152 -9.90 -26.90 -31.57
C GLN A 152 -8.91 -26.85 -32.72
N VAL A 153 -7.89 -27.71 -32.65
CA VAL A 153 -7.05 -27.99 -33.85
C VAL A 153 -7.11 -29.49 -34.16
N LEU A 154 -6.79 -29.84 -35.39
CA LEU A 154 -6.61 -31.26 -35.73
C LEU A 154 -5.10 -31.50 -35.82
N LYS A 155 -4.63 -32.54 -35.12
CA LYS A 155 -3.22 -32.99 -35.15
C LYS A 155 -3.15 -34.37 -35.79
N ASP A 156 -2.02 -34.64 -36.43
CA ASP A 156 -1.75 -35.97 -37.03
C ASP A 156 -0.98 -36.81 -35.99
N ARG A 157 -0.55 -38.01 -36.41
CA ARG A 157 0.08 -39.05 -35.55
C ARG A 157 1.36 -38.53 -34.90
N ARG A 158 2.09 -37.62 -35.58
CA ARG A 158 3.37 -37.07 -35.07
CA ARG A 158 3.37 -37.08 -35.06
C ARG A 158 3.16 -35.69 -34.43
N GLY A 159 1.90 -35.25 -34.26
CA GLY A 159 1.63 -33.99 -33.54
C GLY A 159 1.66 -32.74 -34.42
N ARG A 160 1.68 -32.90 -35.74
CA ARG A 160 1.60 -31.73 -36.65
C ARG A 160 0.21 -31.11 -36.57
N VAL A 161 0.12 -29.79 -36.51
CA VAL A 161 -1.22 -29.13 -36.60
C VAL A 161 -1.59 -29.08 -38.08
N ILE A 162 -2.57 -29.85 -38.52
CA ILE A 162 -2.94 -29.91 -39.96
C ILE A 162 -4.18 -29.06 -40.25
N LYS A 163 -4.86 -28.51 -39.26
CA LYS A 163 -6.07 -27.69 -39.50
C LYS A 163 -6.38 -26.91 -38.22
N ASP A 164 -6.66 -25.60 -38.35
CA ASP A 164 -7.39 -24.83 -37.32
C ASP A 164 -8.88 -25.08 -37.57
N VAL A 165 -9.58 -25.66 -36.59
CA VAL A 165 -10.99 -26.15 -36.77
C VAL A 165 -11.94 -25.01 -36.45
N GLN A 166 -11.91 -24.51 -35.21
CA GLN A 166 -12.91 -23.52 -34.78
C GLN A 166 -12.57 -23.03 -33.38
N VAL A 167 -13.14 -21.88 -33.05
CA VAL A 167 -13.07 -21.34 -31.66
C VAL A 167 -14.30 -21.93 -30.98
N THR A 168 -14.11 -22.69 -29.91
CA THR A 168 -15.21 -23.31 -29.11
C THR A 168 -15.58 -22.42 -27.92
N LYS A 169 -14.65 -21.59 -27.43
CA LYS A 169 -14.92 -20.63 -26.31
C LYS A 169 -14.22 -19.30 -26.63
N ASN A 170 -14.97 -18.20 -26.75
CA ASN A 170 -14.33 -16.87 -26.98
C ASN A 170 -13.56 -16.55 -25.68
N ALA A 171 -12.36 -16.00 -25.76
CA ALA A 171 -11.70 -15.40 -24.57
C ALA A 171 -12.64 -14.31 -24.05
N LYS A 172 -12.70 -14.18 -22.73
CA LYS A 172 -13.41 -13.12 -21.96
C LYS A 172 -12.33 -12.18 -21.42
N PRO A 173 -12.21 -10.94 -21.96
CA PRO A 173 -11.21 -9.98 -21.51
C PRO A 173 -11.40 -9.73 -20.01
N GLY A 174 -10.31 -9.46 -19.29
CA GLY A 174 -10.47 -9.04 -17.88
C GLY A 174 -11.15 -7.68 -17.75
N LYS A 175 -11.58 -7.40 -16.52
CA LYS A 175 -12.43 -6.20 -16.27
C LYS A 175 -11.52 -5.03 -15.86
N THR A 176 -11.89 -3.83 -16.31
CA THR A 176 -11.19 -2.55 -15.99
C THR A 176 -11.36 -2.23 -14.50
N LEU A 177 -10.34 -1.61 -13.98
CA LEU A 177 -10.36 -1.18 -12.57
C LEU A 177 -9.83 0.25 -12.46
N ALA A 178 -10.59 1.09 -11.76
CA ALA A 178 -10.18 2.49 -11.49
C ALA A 178 -9.78 2.57 -10.02
N LEU A 179 -8.52 2.83 -9.76
CA LEU A 179 -8.07 2.96 -8.38
C LEU A 179 -8.60 4.25 -7.73
N SER A 180 -8.54 4.26 -6.41
CA SER A 180 -8.78 5.49 -5.63
C SER A 180 -7.63 6.49 -5.79
N ILE A 181 -6.43 5.95 -6.09
CA ILE A 181 -5.21 6.74 -6.23
C ILE A 181 -5.44 7.88 -7.24
N ASP A 182 -4.99 9.06 -6.87
CA ASP A 182 -4.90 10.23 -7.75
C ASP A 182 -3.45 10.42 -8.11
N LEU A 183 -3.10 10.06 -9.34
CA LEU A 183 -1.68 10.14 -9.71
C LEU A 183 -1.01 11.49 -9.47
N ARG A 184 -1.77 12.59 -9.49
CA ARG A 184 -1.15 13.90 -9.21
C ARG A 184 -0.66 13.94 -7.77
N LEU A 185 -1.49 13.45 -6.84
CA LEU A 185 -1.06 13.40 -5.42
C LEU A 185 0.06 12.38 -5.19
N GLN A 186 -0.05 11.27 -5.94
CA GLN A 186 0.91 10.17 -5.83
C GLN A 186 2.28 10.69 -6.25
N TYR A 187 2.36 11.44 -7.34
CA TYR A 187 3.67 11.97 -7.82
CA TYR A 187 3.65 11.99 -7.82
C TYR A 187 4.26 12.93 -6.77
N LEU A 188 3.40 13.78 -6.21
CA LEU A 188 3.82 14.75 -5.15
C LEU A 188 4.34 13.95 -3.93
N ALA A 189 3.59 12.93 -3.50
CA ALA A 189 3.95 12.14 -2.30
C ALA A 189 5.28 11.41 -2.57
N HIS A 190 5.37 10.78 -3.73
CA HIS A 190 6.59 10.02 -4.05
C HIS A 190 7.79 10.96 -4.04
N ARG A 191 7.67 12.14 -4.69
CA ARG A 191 8.80 13.09 -4.85
CA ARG A 191 8.83 13.05 -4.84
C ARG A 191 9.26 13.53 -3.45
N GLU A 192 8.30 13.96 -2.64
CA GLU A 192 8.66 14.59 -1.36
C GLU A 192 9.17 13.57 -0.35
N LEU A 193 8.65 12.34 -0.37
CA LEU A 193 9.16 11.27 0.52
C LEU A 193 10.59 10.92 0.11
N ARG A 194 10.79 10.67 -1.19
CA ARG A 194 12.13 10.36 -1.73
C ARG A 194 13.11 11.47 -1.34
N ASN A 195 12.76 12.74 -1.58
CA ASN A 195 13.67 13.88 -1.36
C ASN A 195 13.99 13.95 0.15
N ALA A 196 12.99 13.75 1.02
CA ALA A 196 13.23 13.81 2.49
C ALA A 196 14.23 12.72 2.90
N LEU A 197 14.02 11.50 2.40
CA LEU A 197 14.93 10.40 2.77
C LEU A 197 16.35 10.72 2.30
N LEU A 198 16.52 11.18 1.06
CA LEU A 198 17.87 11.41 0.49
C LEU A 198 18.55 12.50 1.32
N GLU A 199 17.79 13.52 1.68
CA GLU A 199 18.33 14.74 2.31
C GLU A 199 18.69 14.39 3.77
N ASN A 200 18.09 13.37 4.36
CA ASN A 200 18.26 13.10 5.82
C ASN A 200 19.00 11.79 6.06
N GLY A 201 19.58 11.23 5.02
CA GLY A 201 20.39 10.00 5.10
C GLY A 201 19.56 8.82 5.58
N ALA A 202 18.28 8.79 5.25
CA ALA A 202 17.40 7.65 5.61
C ALA A 202 17.17 6.79 4.37
N LYS A 203 16.86 5.51 4.59
CA LYS A 203 16.84 4.45 3.54
C LYS A 203 15.39 4.11 3.19
N ALA A 204 14.41 4.25 4.11
CA ALA A 204 13.10 3.68 3.86
C ALA A 204 12.03 4.50 4.58
N GLY A 205 10.84 4.40 4.07
CA GLY A 205 9.70 5.12 4.63
C GLY A 205 8.45 4.88 3.84
N SER A 206 7.35 5.49 4.27
CA SER A 206 6.07 5.40 3.54
CA SER A 206 6.01 5.33 3.65
C SER A 206 5.26 6.67 3.77
N LEU A 207 4.33 6.92 2.89
CA LEU A 207 3.39 8.04 2.98
C LEU A 207 2.06 7.58 2.47
N VAL A 208 1.01 7.83 3.25
CA VAL A 208 -0.37 7.48 2.87
C VAL A 208 -1.20 8.75 2.92
N ILE A 209 -2.00 8.99 1.94
CA ILE A 209 -2.99 10.07 1.87
C ILE A 209 -4.33 9.43 1.72
N MET A 210 -5.29 9.86 2.58
CA MET A 210 -6.66 9.35 2.46
CA MET A 210 -6.68 9.36 2.65
C MET A 210 -7.67 10.50 2.36
N ASP A 211 -8.75 10.22 1.71
CA ASP A 211 -9.94 11.12 1.68
C ASP A 211 -10.74 10.72 2.91
N VAL A 212 -10.93 11.71 3.83
CA VAL A 212 -11.52 11.34 5.13
C VAL A 212 -13.03 11.13 5.02
N LYS A 213 -13.66 11.68 3.98
CA LYS A 213 -15.09 11.54 3.68
C LYS A 213 -15.41 10.17 3.09
N THR A 214 -14.51 9.68 2.20
CA THR A 214 -14.89 8.59 1.24
C THR A 214 -14.15 7.27 1.56
N GLY A 215 -13.14 7.27 2.39
CA GLY A 215 -12.30 6.11 2.74
C GLY A 215 -11.27 5.80 1.61
N GLU A 216 -11.23 6.66 0.62
CA GLU A 216 -10.33 6.40 -0.52
C GLU A 216 -8.92 6.68 -0.08
N ILE A 217 -8.03 5.77 -0.58
CA ILE A 217 -6.56 5.94 -0.49
C ILE A 217 -6.17 6.77 -1.70
N LEU A 218 -5.81 8.00 -1.56
CA LEU A 218 -5.53 8.92 -2.67
C LEU A 218 -4.07 8.74 -3.10
N ALA A 219 -3.18 8.41 -2.16
CA ALA A 219 -1.74 8.17 -2.48
C ALA A 219 -1.24 7.12 -1.50
N MET A 220 -0.39 6.21 -2.01
CA MET A 220 0.32 5.29 -1.14
C MET A 220 1.70 5.08 -1.76
N THR A 221 2.71 5.59 -1.14
CA THR A 221 4.09 5.54 -1.68
C THR A 221 5.01 4.93 -0.63
N ASN A 222 6.00 4.14 -1.04
CA ASN A 222 7.00 3.54 -0.16
C ASN A 222 8.37 3.83 -0.79
N GLN A 223 9.38 4.02 0.01
CA GLN A 223 10.79 3.99 -0.41
C GLN A 223 11.46 2.90 0.40
N PRO A 224 12.43 2.18 -0.21
CA PRO A 224 12.71 2.25 -1.64
C PRO A 224 11.56 1.72 -2.51
N THR A 225 11.69 2.07 -3.80
CA THR A 225 10.77 1.60 -4.84
C THR A 225 11.62 0.99 -5.94
N TYR A 226 10.90 0.67 -6.99
CA TYR A 226 11.51 -0.04 -8.13
C TYR A 226 10.70 0.25 -9.38
N ASN A 227 11.33 -0.05 -10.51
CA ASN A 227 10.67 0.09 -11.83
C ASN A 227 10.03 -1.25 -12.17
N PRO A 228 8.69 -1.38 -12.18
CA PRO A 228 8.06 -2.67 -12.42
C PRO A 228 8.27 -3.11 -13.88
N ASN A 229 8.62 -2.17 -14.75
CA ASN A 229 8.86 -2.48 -16.20
C ASN A 229 10.24 -3.08 -16.41
N ASN A 230 11.15 -2.98 -15.44
CA ASN A 230 12.53 -3.50 -15.57
C ASN A 230 12.99 -3.97 -14.19
N ARG A 231 12.65 -5.21 -13.86
CA ARG A 231 12.93 -5.75 -12.50
C ARG A 231 14.29 -6.48 -12.48
N ARG A 232 15.08 -6.38 -13.55
CA ARG A 232 16.28 -7.24 -13.75
C ARG A 232 17.13 -7.30 -12.47
N ASN A 233 17.37 -6.15 -11.81
CA ASN A 233 18.25 -6.04 -10.61
C ASN A 233 17.42 -5.76 -9.35
N LEU A 234 16.18 -6.25 -9.30
CA LEU A 234 15.21 -5.86 -8.22
C LEU A 234 15.69 -6.43 -6.88
N GLN A 235 15.79 -5.59 -5.85
CA GLN A 235 16.15 -5.99 -4.46
C GLN A 235 14.86 -6.26 -3.68
N PRO A 236 14.79 -7.32 -2.83
CA PRO A 236 13.65 -7.53 -1.94
C PRO A 236 13.25 -6.35 -1.04
N ALA A 237 14.21 -5.62 -0.44
CA ALA A 237 13.91 -4.37 0.31
C ALA A 237 12.98 -3.49 -0.53
N ALA A 238 13.20 -3.40 -1.85
CA ALA A 238 12.51 -2.43 -2.74
C ALA A 238 11.09 -2.91 -3.04
N MET A 239 10.82 -4.21 -2.96
CA MET A 239 9.50 -4.75 -3.39
C MET A 239 8.49 -4.61 -2.21
N ARG A 240 8.98 -4.33 -1.01
CA ARG A 240 8.16 -4.38 0.23
C ARG A 240 7.15 -3.23 0.23
N ASN A 241 5.85 -3.52 0.32
CA ASN A 241 4.78 -2.51 0.38
C ASN A 241 4.65 -2.06 1.84
N ARG A 242 5.62 -1.26 2.29
CA ARG A 242 5.83 -0.94 3.71
C ARG A 242 4.54 -0.41 4.34
N ALA A 243 3.81 0.43 3.62
CA ALA A 243 2.58 1.08 4.20
C ALA A 243 1.62 0.01 4.73
N MET A 244 1.54 -1.16 4.07
CA MET A 244 0.63 -2.25 4.35
C MET A 244 1.25 -3.38 5.16
N ILE A 245 2.59 -3.44 5.23
N ILE A 245 2.59 -3.47 5.28
CA ILE A 245 3.32 -4.60 5.81
CA ILE A 245 3.21 -4.67 5.91
C ILE A 245 4.03 -4.23 7.11
C ILE A 245 4.21 -4.32 7.03
N ASP A 246 4.69 -3.07 7.16
CA ASP A 246 5.59 -2.74 8.30
CA ASP A 246 5.57 -2.70 8.29
C ASP A 246 4.69 -2.46 9.53
N VAL A 247 4.93 -3.20 10.58
CA VAL A 247 4.13 -3.06 11.86
C VAL A 247 5.01 -2.40 12.87
N PHE A 248 4.42 -1.46 13.64
CA PHE A 248 5.19 -0.69 14.61
C PHE A 248 4.26 -0.27 15.76
N GLU A 249 4.85 -0.06 16.90
CA GLU A 249 4.16 0.60 18.04
C GLU A 249 4.07 2.09 17.70
N PRO A 250 2.84 2.68 17.62
CA PRO A 250 2.67 4.01 17.09
C PRO A 250 2.96 5.16 18.07
N GLY A 251 3.28 4.83 19.32
CA GLY A 251 3.64 5.84 20.32
C GLY A 251 2.62 6.98 20.38
N SER A 252 3.15 8.19 20.38
CA SER A 252 2.31 9.39 20.76
C SER A 252 1.19 9.64 19.76
N THR A 253 1.33 9.14 18.51
CA THR A 253 0.29 9.31 17.47
C THR A 253 -1.06 8.71 17.87
N VAL A 254 -1.16 7.84 18.86
CA VAL A 254 -2.50 7.32 19.24
C VAL A 254 -2.99 8.00 20.54
N LYS A 255 -2.19 8.86 21.14
CA LYS A 255 -2.67 9.63 22.31
CA LYS A 255 -2.63 9.66 22.31
C LYS A 255 -3.93 10.41 21.98
N PRO A 256 -4.20 10.92 20.74
CA PRO A 256 -5.52 11.50 20.47
C PRO A 256 -6.72 10.57 20.71
N PHE A 257 -6.55 9.25 20.58
CA PHE A 257 -7.61 8.23 20.77
C PHE A 257 -7.80 8.05 22.28
N SER A 258 -6.70 8.06 23.02
CA SER A 258 -6.75 8.05 24.50
C SER A 258 -7.50 9.29 24.96
N MET A 259 -7.25 10.43 24.35
CA MET A 259 -7.93 11.69 24.76
C MET A 259 -9.40 11.61 24.35
N SER A 260 -9.75 11.02 23.22
CA SER A 260 -11.15 10.82 22.78
C SER A 260 -11.91 10.01 23.83
N ALA A 261 -11.35 8.95 24.33
CA ALA A 261 -11.94 8.10 25.37
C ALA A 261 -12.15 8.99 26.59
N ALA A 262 -11.15 9.80 26.95
CA ALA A 262 -11.24 10.61 28.19
C ALA A 262 -12.45 11.54 28.00
N LEU A 263 -12.58 12.23 26.89
CA LEU A 263 -13.64 13.25 26.69
C LEU A 263 -15.02 12.58 26.57
N ALA A 264 -15.12 11.28 26.21
CA ALA A 264 -16.37 10.52 26.11
C ALA A 264 -16.77 9.95 27.47
N SER A 265 -15.86 9.97 28.45
CA SER A 265 -16.05 9.27 29.75
C SER A 265 -17.04 10.02 30.64
N GLY A 266 -17.24 11.32 30.41
CA GLY A 266 -17.95 12.21 31.32
C GLY A 266 -17.08 12.75 32.41
N ARG A 267 -15.81 12.39 32.47
CA ARG A 267 -14.94 12.71 33.64
C ARG A 267 -13.94 13.82 33.33
N TRP A 268 -13.79 14.18 32.04
CA TRP A 268 -12.73 15.10 31.60
C TRP A 268 -13.31 16.13 30.63
N LYS A 269 -12.78 17.35 30.72
CA LYS A 269 -13.03 18.47 29.78
C LYS A 269 -11.69 19.06 29.38
N PRO A 270 -11.59 19.74 28.22
CA PRO A 270 -10.28 20.21 27.73
C PRO A 270 -9.50 21.14 28.66
N SER A 271 -10.23 21.95 29.41
CA SER A 271 -9.62 22.89 30.38
C SER A 271 -9.13 22.20 31.65
N ASP A 272 -9.41 20.90 31.82
CA ASP A 272 -8.89 20.13 32.98
C ASP A 272 -7.37 20.15 32.96
N ILE A 273 -6.83 20.12 34.16
CA ILE A 273 -5.38 20.20 34.45
C ILE A 273 -4.95 18.87 35.06
N VAL A 274 -3.79 18.39 34.64
CA VAL A 274 -3.10 17.24 35.27
C VAL A 274 -1.72 17.72 35.69
N ASP A 275 -1.32 17.36 36.88
CA ASP A 275 0.03 17.64 37.37
C ASP A 275 0.92 16.47 36.95
N VAL A 276 1.89 16.76 36.09
CA VAL A 276 2.83 15.71 35.60
C VAL A 276 4.21 15.86 36.23
N TYR A 277 4.43 16.83 37.14
CA TYR A 277 5.71 16.96 37.85
C TYR A 277 6.00 15.65 38.58
N PRO A 278 7.26 15.14 38.65
CA PRO A 278 8.46 15.70 38.01
C PRO A 278 8.83 15.05 36.64
N GLY A 279 7.83 14.69 35.89
CA GLY A 279 8.04 14.07 34.57
C GLY A 279 8.19 12.58 34.72
N THR A 280 7.94 12.01 35.89
CA THR A 280 7.95 10.55 36.12
C THR A 280 6.74 10.19 36.98
N LEU A 281 6.35 8.95 36.98
CA LEU A 281 5.26 8.45 37.81
C LEU A 281 5.59 7.01 38.14
N GLN A 282 5.80 6.75 39.41
CA GLN A 282 6.02 5.39 39.90
C GLN A 282 4.69 4.64 39.91
N ILE A 283 4.63 3.48 39.28
CA ILE A 283 3.47 2.55 39.43
C ILE A 283 4.02 1.17 39.82
N GLY A 284 4.05 0.90 41.12
CA GLY A 284 4.76 -0.26 41.68
C GLY A 284 6.22 -0.26 41.28
N ARG A 285 6.69 -1.37 40.72
CA ARG A 285 8.09 -1.60 40.30
C ARG A 285 8.36 -0.84 39.00
N TYR A 286 7.34 -0.31 38.31
CA TYR A 286 7.52 0.37 37.00
C TYR A 286 7.55 1.89 37.19
N THR A 287 8.33 2.59 36.36
CA THR A 287 8.37 4.08 36.32
C THR A 287 8.00 4.55 34.92
N ILE A 288 6.95 5.33 34.84
CA ILE A 288 6.55 5.99 33.57
C ILE A 288 7.40 7.24 33.48
N ARG A 289 8.09 7.46 32.40
CA ARG A 289 9.02 8.61 32.29
CA ARG A 289 9.06 8.57 32.25
C ARG A 289 8.66 9.40 31.04
N ASP A 290 8.60 10.71 31.16
CA ASP A 290 8.26 11.61 30.05
C ASP A 290 9.53 11.96 29.29
N VAL A 291 9.36 12.17 28.00
CA VAL A 291 10.46 12.61 27.11
C VAL A 291 10.89 14.03 27.46
N SER A 292 9.98 14.91 27.88
CA SER A 292 10.40 16.25 28.32
CA SER A 292 10.30 16.28 28.28
C SER A 292 9.85 16.42 29.75
N ARG A 293 10.73 16.82 30.66
CA ARG A 293 10.39 16.74 32.10
C ARG A 293 10.53 18.13 32.70
N ASN A 294 9.89 19.12 32.05
CA ASN A 294 9.99 20.56 32.41
C ASN A 294 8.62 21.12 32.75
N SER A 295 7.68 20.27 33.20
CA SER A 295 6.27 20.67 33.41
CA SER A 295 6.28 20.71 33.42
C SER A 295 5.77 20.27 34.79
N ARG A 296 4.84 21.08 35.28
CA ARG A 296 3.97 20.70 36.41
C ARG A 296 2.55 20.64 35.88
N GLN A 297 1.76 21.69 35.99
CA GLN A 297 0.38 21.62 35.51
C GLN A 297 0.41 21.73 33.99
N LEU A 298 -0.38 20.90 33.35
CA LEU A 298 -0.68 20.93 31.88
C LEU A 298 -2.19 20.76 31.73
N ASP A 299 -2.82 21.55 30.87
CA ASP A 299 -4.20 21.23 30.47
C ASP A 299 -4.16 20.09 29.42
N LEU A 300 -5.31 19.59 29.02
CA LEU A 300 -5.40 18.39 28.18
C LEU A 300 -4.69 18.69 26.87
N THR A 301 -4.76 19.91 26.35
CA THR A 301 -4.08 20.23 25.08
C THR A 301 -2.58 20.19 25.30
N GLY A 302 -2.10 20.74 26.40
CA GLY A 302 -0.68 20.71 26.76
C GLY A 302 -0.13 19.30 26.93
N ILE A 303 -0.92 18.37 27.46
CA ILE A 303 -0.53 16.93 27.59
C ILE A 303 -0.22 16.41 26.16
N LEU A 304 -1.05 16.73 25.18
CA LEU A 304 -0.75 16.34 23.77
C LEU A 304 0.45 17.12 23.23
N ILE A 305 0.56 18.44 23.42
CA ILE A 305 1.69 19.26 22.87
C ILE A 305 3.01 18.71 23.41
N LYS A 306 3.09 18.44 24.71
CA LYS A 306 4.34 17.95 25.36
C LYS A 306 4.51 16.43 25.14
N SER A 307 3.47 15.75 24.68
CA SER A 307 3.43 14.29 24.58
C SER A 307 3.75 13.62 25.91
N SER A 308 3.21 14.16 27.01
CA SER A 308 3.48 13.62 28.37
C SER A 308 2.86 12.24 28.56
N ASN A 309 3.69 11.24 28.74
CA ASN A 309 3.26 9.87 29.09
C ASN A 309 2.64 9.87 30.50
N VAL A 310 3.20 10.68 31.38
CA VAL A 310 2.65 10.77 32.75
C VAL A 310 1.23 11.31 32.66
N GLY A 311 1.05 12.41 31.94
CA GLY A 311 -0.27 13.07 31.78
C GLY A 311 -1.32 12.11 31.29
N ILE A 312 -1.02 11.43 30.16
CA ILE A 312 -2.02 10.55 29.50
C ILE A 312 -2.23 9.31 30.38
N SER A 313 -1.21 8.85 31.10
CA SER A 313 -1.36 7.68 32.00
C SER A 313 -2.28 8.04 33.17
N LYS A 314 -2.12 9.20 33.76
CA LYS A 314 -3.03 9.59 34.89
C LYS A 314 -4.48 9.63 34.39
N ILE A 315 -4.71 10.18 33.20
CA ILE A 315 -6.07 10.20 32.62
C ILE A 315 -6.56 8.74 32.45
N ALA A 316 -5.71 7.88 31.82
CA ALA A 316 -6.06 6.48 31.57
C ALA A 316 -6.42 5.71 32.83
N PHE A 317 -5.71 5.96 33.94
CA PHE A 317 -6.02 5.28 35.22
C PHE A 317 -7.41 5.70 35.70
N ASP A 318 -7.76 6.98 35.47
CA ASP A 318 -9.05 7.56 35.92
C ASP A 318 -10.22 6.97 35.11
N ILE A 319 -10.04 6.82 33.78
CA ILE A 319 -11.17 6.41 32.90
C ILE A 319 -11.19 4.87 32.66
N GLY A 320 -10.08 4.18 32.90
CA GLY A 320 -9.90 2.74 32.70
C GLY A 320 -9.46 2.42 31.25
N ALA A 321 -8.60 1.45 31.14
CA ALA A 321 -8.06 1.03 29.83
C ALA A 321 -9.20 0.58 28.89
N GLU A 322 -10.26 0.00 29.39
CA GLU A 322 -11.26 -0.60 28.45
CA GLU A 322 -11.36 -0.58 28.55
C GLU A 322 -11.86 0.49 27.57
N SER A 323 -12.04 1.73 28.05
CA SER A 323 -12.56 2.86 27.26
C SER A 323 -11.63 3.18 26.10
N ILE A 324 -10.34 3.11 26.35
CA ILE A 324 -9.28 3.49 25.38
C ILE A 324 -9.21 2.33 24.37
N TYR A 325 -9.14 1.10 24.87
CA TYR A 325 -9.13 -0.11 24.00
C TYR A 325 -10.30 0.01 23.02
N SER A 326 -11.50 0.31 23.50
CA SER A 326 -12.71 0.33 22.65
C SER A 326 -12.55 1.38 21.54
N VAL A 327 -12.07 2.59 21.84
CA VAL A 327 -11.92 3.64 20.79
C VAL A 327 -10.90 3.14 19.75
N MET A 328 -9.77 2.69 20.23
CA MET A 328 -8.70 2.25 19.30
C MET A 328 -9.23 1.11 18.44
N GLN A 329 -9.96 0.15 18.99
CA GLN A 329 -10.51 -0.95 18.17
CA GLN A 329 -10.54 -0.97 18.21
C GLN A 329 -11.50 -0.40 17.14
N GLN A 330 -12.35 0.54 17.53
CA GLN A 330 -13.43 1.03 16.67
C GLN A 330 -12.87 1.88 15.52
N VAL A 331 -11.73 2.54 15.68
CA VAL A 331 -11.11 3.37 14.62
C VAL A 331 -10.18 2.46 13.77
N GLY A 332 -10.10 1.18 14.09
CA GLY A 332 -9.45 0.17 13.19
C GLY A 332 -8.02 -0.12 13.53
N LEU A 333 -7.45 0.36 14.62
CA LEU A 333 -6.05 0.06 15.01
C LEU A 333 -5.89 -1.41 15.40
N GLY A 334 -5.00 -2.14 14.75
CA GLY A 334 -4.86 -3.56 15.08
C GLY A 334 -5.94 -4.43 14.43
N GLN A 335 -6.73 -3.89 13.50
CA GLN A 335 -7.90 -4.57 12.87
C GLN A 335 -7.63 -4.79 11.38
N ASP A 336 -8.27 -5.82 10.84
CA ASP A 336 -8.37 -6.12 9.41
C ASP A 336 -8.87 -4.88 8.68
N THR A 337 -8.19 -4.46 7.64
CA THR A 337 -8.58 -3.27 6.84
C THR A 337 -9.72 -3.65 5.90
N GLY A 338 -9.85 -4.93 5.56
CA GLY A 338 -10.83 -5.38 4.57
C GLY A 338 -10.35 -5.13 3.15
N LEU A 339 -9.10 -4.71 2.95
CA LEU A 339 -8.65 -4.36 1.56
C LEU A 339 -8.33 -5.63 0.75
N GLY A 340 -8.22 -6.80 1.39
CA GLY A 340 -7.98 -8.07 0.68
C GLY A 340 -6.70 -8.03 -0.12
N PHE A 341 -5.67 -7.38 0.38
CA PHE A 341 -4.31 -7.55 -0.16
C PHE A 341 -3.70 -8.73 0.57
N PRO A 342 -3.47 -9.91 -0.08
CA PRO A 342 -2.86 -11.04 0.61
C PRO A 342 -1.50 -10.66 1.22
N GLY A 343 -1.32 -11.01 2.49
CA GLY A 343 -0.08 -10.63 3.21
C GLY A 343 -0.16 -9.28 3.94
N GLU A 344 -1.24 -8.51 3.76
CA GLU A 344 -1.35 -7.25 4.53
CA GLU A 344 -1.36 -7.24 4.53
C GLU A 344 -1.31 -7.63 6.02
N ARG A 345 -0.57 -6.87 6.81
CA ARG A 345 -0.41 -7.17 8.25
C ARG A 345 -1.51 -6.43 9.03
N VAL A 346 -2.04 -7.12 10.01
CA VAL A 346 -3.10 -6.59 10.93
C VAL A 346 -2.47 -5.97 12.16
N GLY A 347 -1.29 -6.33 12.58
CA GLY A 347 -0.75 -5.84 13.84
C GLY A 347 -1.46 -6.48 15.00
N ASN A 348 -1.54 -5.79 16.14
CA ASN A 348 -2.07 -6.39 17.40
C ASN A 348 -2.53 -5.27 18.32
N LEU A 349 -3.78 -5.38 18.73
CA LEU A 349 -4.36 -4.51 19.78
C LEU A 349 -4.68 -5.46 20.91
N PRO A 350 -3.77 -5.64 21.87
CA PRO A 350 -3.96 -6.62 22.92
C PRO A 350 -5.16 -6.28 23.82
N ASN A 351 -5.88 -7.29 24.23
CA ASN A 351 -7.00 -7.07 25.18
C ASN A 351 -6.75 -7.83 26.48
N HIS A 352 -7.47 -7.39 27.53
CA HIS A 352 -7.36 -7.95 28.90
C HIS A 352 -8.75 -7.92 29.52
N ARG A 353 -9.00 -8.80 30.46
CA ARG A 353 -10.19 -8.58 31.32
CA ARG A 353 -10.16 -8.67 31.38
C ARG A 353 -9.77 -7.63 32.45
N LYS A 354 -8.63 -7.87 33.10
CA LYS A 354 -8.09 -6.98 34.17
C LYS A 354 -6.86 -6.30 33.60
N TRP A 355 -6.91 -4.98 33.46
CA TRP A 355 -5.79 -4.16 32.97
C TRP A 355 -4.99 -3.65 34.15
N PRO A 356 -3.77 -4.18 34.40
CA PRO A 356 -2.89 -3.58 35.38
C PRO A 356 -2.48 -2.18 34.92
N LYS A 357 -1.91 -1.41 35.83
CA LYS A 357 -1.55 0.00 35.58
C LYS A 357 -0.53 0.06 34.46
N ALA A 358 0.46 -0.85 34.44
CA ALA A 358 1.58 -0.80 33.48
C ALA A 358 0.96 -0.93 32.09
N GLU A 359 0.09 -1.93 31.89
CA GLU A 359 -0.49 -2.23 30.56
C GLU A 359 -1.48 -1.11 30.17
N THR A 360 -2.18 -0.54 31.13
CA THR A 360 -3.08 0.59 30.88
C THR A 360 -2.26 1.77 30.34
N ALA A 361 -1.16 2.12 31.02
CA ALA A 361 -0.31 3.25 30.65
C ALA A 361 0.30 2.99 29.25
N THR A 362 0.92 1.83 28.97
CA THR A 362 1.57 1.58 27.66
C THR A 362 0.53 1.59 26.53
N LEU A 363 -0.70 1.14 26.75
CA LEU A 363 -1.76 1.30 25.73
C LEU A 363 -1.98 2.78 25.47
N ALA A 364 -2.22 3.57 26.54
CA ALA A 364 -2.61 4.98 26.38
C ALA A 364 -1.57 5.83 25.67
N TYR A 365 -0.27 5.52 25.84
CA TYR A 365 0.79 6.29 25.18
C TYR A 365 1.33 5.50 23.96
N GLY A 366 0.66 4.44 23.52
CA GLY A 366 0.97 3.92 22.18
C GLY A 366 2.06 2.90 22.12
N TYR A 367 2.56 2.31 23.20
CA TYR A 367 3.59 1.25 23.13
CA TYR A 367 3.59 1.25 23.09
C TYR A 367 2.96 -0.12 23.37
N GLY A 368 1.65 -0.15 23.70
CA GLY A 368 0.90 -1.38 24.03
C GLY A 368 0.05 -1.90 22.88
N LEU A 369 0.43 -1.57 21.65
CA LEU A 369 -0.26 -2.03 20.45
C LEU A 369 0.74 -1.89 19.30
N SER A 370 0.42 -2.55 18.19
CA SER A 370 1.19 -2.43 16.95
CA SER A 370 1.19 -2.55 16.93
C SER A 370 0.23 -2.31 15.76
N VAL A 371 0.60 -1.43 14.86
CA VAL A 371 -0.30 -1.01 13.77
C VAL A 371 0.53 -0.85 12.49
N THR A 372 -0.15 -0.74 11.38
CA THR A 372 0.50 -0.32 10.12
C THR A 372 0.23 1.14 9.81
N ALA A 373 0.93 1.74 8.86
CA ALA A 373 0.69 3.14 8.44
C ALA A 373 -0.72 3.25 7.88
N ILE A 374 -1.23 2.27 7.15
CA ILE A 374 -2.61 2.28 6.58
CA ILE A 374 -2.61 2.37 6.59
C ILE A 374 -3.63 2.42 7.74
N GLN A 375 -3.42 1.58 8.74
CA GLN A 375 -4.38 1.57 9.90
C GLN A 375 -4.29 2.92 10.58
N LEU A 376 -3.10 3.42 10.82
CA LEU A 376 -2.99 4.75 11.49
C LEU A 376 -3.66 5.84 10.66
N ALA A 377 -3.53 5.88 9.33
CA ALA A 377 -4.14 6.90 8.49
C ALA A 377 -5.66 6.73 8.57
N HIS A 378 -6.15 5.48 8.59
CA HIS A 378 -7.60 5.14 8.67
C HIS A 378 -8.19 5.71 9.99
N ALA A 379 -7.42 5.55 11.04
CA ALA A 379 -7.88 6.02 12.40
C ALA A 379 -7.92 7.53 12.34
N TYR A 380 -6.89 8.20 11.82
CA TYR A 380 -6.89 9.67 11.66
C TYR A 380 -8.03 10.11 10.78
N ALA A 381 -8.40 9.35 9.75
CA ALA A 381 -9.51 9.73 8.88
C ALA A 381 -10.81 9.76 9.67
N ALA A 382 -11.03 8.75 10.50
CA ALA A 382 -12.25 8.69 11.33
C ALA A 382 -12.37 9.95 12.21
N LEU A 383 -11.28 10.26 12.88
CA LEU A 383 -11.21 11.44 13.78
C LEU A 383 -11.46 12.69 12.96
N ALA A 384 -10.85 12.81 11.78
CA ALA A 384 -10.98 13.98 10.91
C ALA A 384 -12.41 14.11 10.39
N ASN A 385 -13.03 13.00 10.06
CA ASN A 385 -14.38 12.92 9.46
C ASN A 385 -15.47 13.07 10.58
N ASP A 386 -15.17 13.99 11.50
CA ASP A 386 -16.06 14.25 12.68
C ASP A 386 -16.49 12.94 13.37
N GLY A 387 -15.54 12.01 13.52
CA GLY A 387 -15.70 10.76 14.25
C GLY A 387 -16.38 9.61 13.55
N LYS A 388 -16.61 9.75 12.24
CA LYS A 388 -17.32 8.73 11.48
C LYS A 388 -16.28 7.94 10.63
N SER A 389 -16.17 6.68 10.95
CA SER A 389 -15.28 5.75 10.20
CA SER A 389 -15.26 5.77 10.19
C SER A 389 -15.95 5.37 8.88
N VAL A 390 -15.16 5.33 7.82
CA VAL A 390 -15.64 4.90 6.48
C VAL A 390 -14.67 3.81 6.06
N PRO A 391 -15.16 2.70 5.48
CA PRO A 391 -14.28 1.61 5.08
C PRO A 391 -13.18 2.16 4.16
N LEU A 392 -11.98 1.60 4.33
CA LEU A 392 -10.88 1.83 3.38
C LEU A 392 -11.22 1.30 1.97
N SER A 393 -10.76 2.09 1.00
CA SER A 393 -10.90 1.65 -0.40
C SER A 393 -9.62 2.01 -1.12
N MET A 394 -9.16 1.03 -1.94
CA MET A 394 -8.12 1.26 -2.97
C MET A 394 -8.75 1.50 -4.34
N THR A 395 -10.04 1.45 -4.48
CA THR A 395 -10.75 1.61 -5.75
C THR A 395 -11.58 2.88 -5.70
N ARG A 396 -11.86 3.52 -6.80
CA ARG A 396 -12.67 4.75 -6.85
C ARG A 396 -14.03 4.50 -6.17
N VAL A 397 -14.41 5.42 -5.29
CA VAL A 397 -15.71 5.33 -4.56
C VAL A 397 -16.64 6.37 -5.19
N ASP A 398 -17.77 5.92 -5.68
CA ASP A 398 -18.81 6.81 -6.25
C ASP A 398 -19.93 7.00 -5.26
N ARG A 399 -20.36 5.92 -4.59
CA ARG A 399 -21.42 5.97 -3.55
C ARG A 399 -20.73 5.75 -2.20
N VAL A 400 -20.64 6.80 -1.40
CA VAL A 400 -19.87 6.71 -0.13
C VAL A 400 -20.67 5.83 0.85
N PRO A 401 -20.04 4.79 1.44
CA PRO A 401 -20.72 3.97 2.45
C PRO A 401 -21.20 4.81 3.64
N ASP A 402 -22.23 4.32 4.33
CA ASP A 402 -22.71 5.02 5.52
C ASP A 402 -21.58 5.10 6.53
N GLY A 403 -20.80 4.05 6.70
CA GLY A 403 -19.84 4.10 7.83
C GLY A 403 -20.46 4.13 9.20
N VAL A 404 -19.63 4.35 10.22
CA VAL A 404 -20.03 4.12 11.62
C VAL A 404 -19.52 5.30 12.44
N GLN A 405 -20.44 5.83 13.23
CA GLN A 405 -20.09 6.92 14.15
C GLN A 405 -19.37 6.31 15.33
N VAL A 406 -18.06 6.33 15.34
CA VAL A 406 -17.20 5.64 16.34
C VAL A 406 -16.80 6.62 17.45
N ILE A 407 -16.70 7.92 17.15
CA ILE A 407 -16.39 9.00 18.13
C ILE A 407 -17.47 10.05 17.95
N SER A 408 -18.07 10.52 19.06
CA SER A 408 -19.16 11.50 18.90
C SER A 408 -18.67 12.73 18.15
N PRO A 409 -19.52 13.36 17.35
CA PRO A 409 -19.08 14.55 16.57
C PRO A 409 -18.47 15.62 17.49
N GLU A 410 -19.13 15.83 18.65
CA GLU A 410 -18.61 16.85 19.57
C GLU A 410 -17.15 16.51 20.01
N VAL A 411 -16.95 15.27 20.45
CA VAL A 411 -15.60 14.85 20.96
C VAL A 411 -14.60 14.92 19.79
N ALA A 412 -15.05 14.51 18.63
CA ALA A 412 -14.09 14.52 17.50
C ALA A 412 -13.71 15.96 17.19
N SER A 413 -14.69 16.88 17.21
CA SER A 413 -14.40 18.31 16.97
C SER A 413 -13.42 18.85 18.03
N THR A 414 -13.64 18.51 19.28
CA THR A 414 -12.77 19.02 20.38
C THR A 414 -11.34 18.51 20.14
N VAL A 415 -11.21 17.22 19.80
CA VAL A 415 -9.88 16.62 19.60
C VAL A 415 -9.22 17.21 18.33
N GLN A 416 -9.97 17.47 17.26
CA GLN A 416 -9.46 18.23 16.07
C GLN A 416 -8.84 19.55 16.51
N GLY A 417 -9.54 20.27 17.40
CA GLY A 417 -9.05 21.60 17.83
C GLY A 417 -7.80 21.45 18.69
N MET A 418 -7.71 20.39 19.50
CA MET A 418 -6.47 20.12 20.29
CA MET A 418 -6.48 20.14 20.30
C MET A 418 -5.30 19.84 19.35
N LEU A 419 -5.54 19.05 18.30
CA LEU A 419 -4.46 18.70 17.36
C LEU A 419 -4.10 19.89 16.48
N GLN A 420 -5.02 20.82 16.24
CA GLN A 420 -4.69 22.10 15.60
C GLN A 420 -3.67 22.86 16.45
N GLN A 421 -3.95 22.96 17.75
CA GLN A 421 -3.02 23.59 18.68
C GLN A 421 -1.68 22.84 18.74
N VAL A 422 -1.64 21.52 18.63
CA VAL A 422 -0.35 20.79 18.67
C VAL A 422 0.51 21.37 17.53
N VAL A 423 -0.09 21.61 16.36
CA VAL A 423 0.66 22.14 15.20
C VAL A 423 0.93 23.65 15.33
N GLU A 424 -0.03 24.42 15.87
CA GLU A 424 -0.05 25.91 15.75
C GLU A 424 0.40 26.59 17.03
N ALA A 425 0.27 25.97 18.19
CA ALA A 425 0.48 26.71 19.45
C ALA A 425 1.99 26.92 19.63
N GLN A 426 2.39 27.96 20.41
CA GLN A 426 3.81 28.11 20.84
C GLN A 426 4.23 26.81 21.52
N GLY A 427 5.39 26.26 21.17
CA GLY A 427 5.93 24.99 21.73
C GLY A 427 5.42 23.79 20.96
N GLY A 428 4.64 24.04 19.91
CA GLY A 428 4.05 22.94 19.11
C GLY A 428 4.96 22.49 17.96
N VAL A 429 4.46 21.56 17.15
CA VAL A 429 5.17 20.97 15.96
C VAL A 429 5.02 21.94 14.79
N PHE A 430 5.66 23.10 14.90
CA PHE A 430 5.55 24.20 13.90
C PHE A 430 6.02 23.77 12.50
N ARG A 431 6.88 22.74 12.37
CA ARG A 431 7.36 22.25 11.05
C ARG A 431 6.26 21.52 10.30
N ALA A 432 5.18 21.11 10.98
CA ALA A 432 4.00 20.49 10.33
C ALA A 432 3.02 21.56 9.83
N GLN A 433 3.18 22.85 10.19
CA GLN A 433 2.28 23.93 9.69
C GLN A 433 2.26 23.89 8.15
N VAL A 434 1.09 23.78 7.57
N VAL A 434 1.08 24.30 7.65
CA VAL A 434 0.97 23.52 6.12
CA VAL A 434 0.63 24.38 6.23
C VAL A 434 0.85 24.88 5.43
C VAL A 434 0.10 25.79 5.96
N PRO A 435 1.80 25.31 4.57
N PRO A 435 1.00 26.68 5.48
CA PRO A 435 1.72 26.60 3.91
CA PRO A 435 0.66 28.06 5.14
C PRO A 435 0.35 26.73 3.22
C PRO A 435 -0.66 28.28 4.37
N GLY A 436 -0.41 27.78 3.60
N GLY A 436 -1.62 29.02 4.90
CA GLY A 436 -1.70 28.19 2.99
CA GLY A 436 -2.90 29.34 4.23
C GLY A 436 -2.89 27.77 3.82
C GLY A 436 -4.06 28.58 4.85
N TYR A 437 -2.66 26.94 4.82
N TYR A 437 -3.73 27.53 5.62
CA TYR A 437 -3.74 26.28 5.56
CA TYR A 437 -4.71 26.53 6.14
C TYR A 437 -3.42 26.28 7.04
C TYR A 437 -4.43 26.35 7.63
N HIS A 438 -4.48 26.01 7.78
N HIS A 438 -5.43 25.84 8.34
CA HIS A 438 -4.40 25.46 9.14
CA HIS A 438 -5.26 25.25 9.70
C HIS A 438 -4.55 23.94 9.08
C HIS A 438 -4.89 23.76 9.47
N ALA A 439 -3.68 23.29 9.82
CA ALA A 439 -3.46 21.83 9.87
C ALA A 439 -3.45 21.34 11.31
N ALA A 440 -3.69 20.06 11.50
CA ALA A 440 -3.83 19.40 12.81
C ALA A 440 -3.07 18.09 12.74
N GLY A 441 -2.40 17.67 13.79
CA GLY A 441 -1.81 16.32 13.85
C GLY A 441 -0.88 16.18 15.00
N LYS A 442 -0.16 15.08 14.99
CA LYS A 442 0.68 14.67 16.11
C LYS A 442 1.87 13.89 15.57
N SER A 443 3.06 14.23 16.04
CA SER A 443 4.27 13.44 15.77
C SER A 443 4.36 12.24 16.71
N GLY A 444 5.23 11.30 16.40
CA GLY A 444 5.49 10.17 17.27
C GLY A 444 6.83 9.54 16.95
N THR A 445 7.39 8.89 17.94
CA THR A 445 8.56 8.02 17.80
C THR A 445 8.01 6.60 17.87
N ALA A 446 7.98 5.93 16.74
CA ALA A 446 7.43 4.58 16.63
C ALA A 446 8.57 3.60 16.87
N ARG A 447 8.24 2.41 17.40
CA ARG A 447 9.23 1.33 17.67
C ARG A 447 8.82 0.12 16.81
N LYS A 448 9.70 -0.37 15.90
CA LYS A 448 9.36 -1.48 14.95
C LYS A 448 9.10 -2.77 15.74
N VAL A 449 8.12 -3.54 15.27
CA VAL A 449 7.74 -4.91 15.73
C VAL A 449 7.89 -5.89 14.55
N SER A 450 8.76 -6.90 14.71
CA SER A 450 9.15 -7.86 13.64
C SER A 450 8.98 -9.31 14.13
N ASN A 459 15.32 -3.32 18.88
CA ASN A 459 14.46 -2.14 18.65
C ASN A 459 14.94 -1.37 17.41
N ALA A 460 14.06 -1.13 16.43
CA ALA A 460 14.23 -0.18 15.31
C ALA A 460 13.14 0.89 15.43
N TYR A 461 13.48 2.12 15.08
CA TYR A 461 12.65 3.33 15.34
C TYR A 461 12.18 3.88 13.99
N ARG A 462 11.05 4.56 14.05
CA ARG A 462 10.47 5.29 12.90
C ARG A 462 10.03 6.65 13.42
N SER A 463 10.24 7.70 12.63
CA SER A 463 9.65 9.03 12.85
C SER A 463 8.29 9.07 12.19
N LEU A 464 7.26 9.33 12.96
CA LEU A 464 5.90 9.37 12.44
C LEU A 464 5.39 10.79 12.49
N PHE A 465 4.56 11.13 11.56
CA PHE A 465 3.66 12.28 11.66
C PHE A 465 2.34 11.84 11.12
N ALA A 466 1.26 12.03 11.87
CA ALA A 466 -0.11 11.72 11.48
C ALA A 466 -0.93 13.00 11.63
N GLY A 467 -1.74 13.33 10.68
CA GLY A 467 -2.58 14.53 10.74
C GLY A 467 -3.56 14.69 9.64
N PHE A 468 -4.20 15.85 9.58
CA PHE A 468 -5.30 16.12 8.65
C PHE A 468 -5.42 17.63 8.46
N ALA A 469 -6.13 18.00 7.41
CA ALA A 469 -6.32 19.41 7.01
C ALA A 469 -7.47 19.49 6.04
N PRO A 470 -8.14 20.66 5.93
CA PRO A 470 -8.02 21.83 6.84
C PRO A 470 -8.47 21.50 8.27
N ALA A 471 -7.79 22.08 9.28
CA ALA A 471 -8.03 21.64 10.68
C ALA A 471 -9.49 21.82 11.07
N THR A 472 -10.16 22.86 10.58
CA THR A 472 -11.48 23.24 11.15
C THR A 472 -12.59 22.62 10.29
N ASP A 473 -12.23 21.99 9.17
CA ASP A 473 -13.16 21.30 8.25
C ASP A 473 -12.41 20.24 7.41
N PRO A 474 -12.01 19.12 8.04
CA PRO A 474 -11.01 18.24 7.41
C PRO A 474 -11.49 17.53 6.13
N ARG A 475 -10.49 17.39 5.19
CA ARG A 475 -10.69 16.76 3.87
C ARG A 475 -9.71 15.60 3.70
N ILE A 476 -8.47 15.78 4.13
CA ILE A 476 -7.37 14.82 3.84
C ILE A 476 -6.70 14.42 5.13
N ALA A 477 -6.49 13.13 5.36
CA ALA A 477 -5.63 12.62 6.44
C ALA A 477 -4.34 12.05 5.81
N MET A 478 -3.28 12.13 6.52
CA MET A 478 -1.95 11.76 6.00
C MET A 478 -1.14 11.14 7.11
N VAL A 479 -0.38 10.10 6.81
CA VAL A 479 0.64 9.52 7.70
C VAL A 479 1.95 9.52 6.94
N VAL A 480 2.99 9.99 7.56
CA VAL A 480 4.39 9.99 7.08
C VAL A 480 5.16 9.06 8.02
N VAL A 481 5.93 8.10 7.46
CA VAL A 481 6.77 7.18 8.22
C VAL A 481 8.19 7.32 7.68
N ILE A 482 9.15 7.67 8.49
CA ILE A 482 10.57 7.77 8.07
C ILE A 482 11.33 6.79 8.97
N ASP A 483 11.92 5.77 8.40
CA ASP A 483 12.69 4.76 9.17
C ASP A 483 14.03 5.39 9.55
N GLU A 484 14.45 5.44 10.82
CA GLU A 484 15.75 6.11 11.15
CA GLU A 484 15.67 6.16 11.30
C GLU A 484 16.63 5.22 12.04
N PHE A 491 13.58 13.14 16.18
CA PHE A 491 12.70 13.42 17.35
C PHE A 491 11.81 14.63 16.99
N GLY A 492 10.54 14.58 17.40
CA GLY A 492 9.58 15.69 17.24
C GLY A 492 9.11 15.90 15.82
N GLY A 493 9.17 14.86 14.96
CA GLY A 493 8.77 14.95 13.53
C GLY A 493 9.80 15.75 12.74
N LEU A 494 11.02 15.94 13.24
CA LEU A 494 11.89 16.96 12.59
C LEU A 494 12.10 16.60 11.11
N VAL A 495 11.96 15.31 10.75
CA VAL A 495 12.04 14.90 9.33
C VAL A 495 10.64 14.57 8.81
N SER A 496 9.75 13.92 9.56
CA SER A 496 8.41 13.52 9.03
C SER A 496 7.47 14.74 8.98
N ALA A 497 7.51 15.61 9.98
CA ALA A 497 6.62 16.81 9.98
C ALA A 497 6.78 17.66 8.71
N PRO A 498 8.00 18.07 8.26
CA PRO A 498 8.11 18.86 7.02
C PRO A 498 7.59 18.20 5.75
N VAL A 499 7.67 16.88 5.69
CA VAL A 499 7.12 16.09 4.55
C VAL A 499 5.61 16.25 4.61
N PHE A 500 4.99 16.08 5.80
CA PHE A 500 3.53 16.28 5.92
C PHE A 500 3.20 17.68 5.39
N SER A 501 3.93 18.69 5.85
CA SER A 501 3.70 20.10 5.49
C SER A 501 3.69 20.28 3.97
N LYS A 502 4.73 19.79 3.30
CA LYS A 502 4.92 20.01 1.86
C LYS A 502 3.85 19.22 1.10
N VAL A 503 3.62 17.98 1.46
CA VAL A 503 2.68 17.13 0.69
C VAL A 503 1.23 17.61 0.96
N MET A 504 0.91 17.94 2.22
CA MET A 504 -0.44 18.47 2.44
C MET A 504 -0.70 19.79 1.68
N ALA A 505 0.27 20.72 1.67
CA ALA A 505 0.17 22.04 0.99
C ALA A 505 -0.26 21.80 -0.47
N GLY A 506 0.48 20.88 -1.10
CA GLY A 506 0.23 20.52 -2.49
C GLY A 506 -1.10 19.79 -2.71
N ALA A 507 -1.37 18.74 -1.93
CA ALA A 507 -2.55 17.87 -2.06
C ALA A 507 -3.82 18.69 -1.94
N LEU A 508 -3.84 19.56 -0.91
CA LEU A 508 -5.04 20.40 -0.73
C LEU A 508 -5.31 21.27 -1.97
N ARG A 509 -4.28 21.86 -2.54
CA ARG A 509 -4.49 22.77 -3.69
CA ARG A 509 -4.38 22.76 -3.73
C ARG A 509 -4.79 21.95 -4.96
N LEU A 510 -4.24 20.74 -5.09
CA LEU A 510 -4.57 19.90 -6.26
C LEU A 510 -6.02 19.46 -6.20
N MET A 511 -6.60 19.42 -4.99
CA MET A 511 -8.01 19.06 -4.78
C MET A 511 -8.88 20.32 -4.66
N ASN A 512 -8.32 21.50 -4.90
CA ASN A 512 -9.06 22.80 -4.93
C ASN A 512 -9.76 23.00 -3.58
N VAL A 513 -9.10 22.59 -2.52
CA VAL A 513 -9.67 22.79 -1.16
C VAL A 513 -9.46 24.25 -0.78
N PRO A 514 -10.52 24.98 -0.36
CA PRO A 514 -10.35 26.39 -0.01
C PRO A 514 -9.69 26.54 1.34
N PRO A 515 -8.78 27.54 1.50
CA PRO A 515 -8.21 27.91 2.80
C PRO A 515 -9.22 28.43 3.82
#